data_3P0Z
#
_entry.id   3P0Z
#
_cell.length_a   117.550
_cell.length_b   67.630
_cell.length_c   59.770
_cell.angle_alpha   90.00
_cell.angle_beta   95.99
_cell.angle_gamma   90.00
#
_symmetry.space_group_name_H-M   'C 1 2 1'
#
loop_
_entity.id
_entity.type
_entity.pdbx_description
1 polymer '2-C-methyl-D-erythritol 2,4-cyclodiphosphate synthase'
2 non-polymer 'CHLORIDE ION'
3 non-polymer 'ZINC ION'
4 non-polymer 4-(1H-IMIDAZOL-1-YL)PHENOL
5 non-polymer 4-AMINO-1-BETA-D-RIBOFURANOSYL-2(1H)-PYRIMIDINONE
6 non-polymer 'POTASSIUM ION'
7 water water
#
_entity_poly.entity_id   1
_entity_poly.type   'polypeptide(L)'
_entity_poly.pdbx_seq_one_letter_code
;MAHHHHHHMGTLEAQTQGPGSMDFRIGQGYDVHQLVPGRPLIIGGVTIPYERGLLGHSDADVLLHAITDALFGAAALGDI
GRHFSDTDPRFKGADSRALLRECASRVAQAGFAIRNVDSTIIAQAPKLAPHIDAMRANIAADLDLPLDRVNVKAKTNEKL
GYLGRGEGIEAQAAALVVREAAA
;
_entity_poly.pdbx_strand_id   A,B,C
#
loop_
_chem_comp.id
_chem_comp.type
_chem_comp.name
_chem_comp.formula
CL non-polymer 'CHLORIDE ION' 'Cl -1'
CTN non-polymer 4-AMINO-1-BETA-D-RIBOFURANOSYL-2(1H)-PYRIMIDINONE 'C9 H13 N3 O5'
K non-polymer 'POTASSIUM ION' 'K 1'
MSR non-polymer 4-(1H-IMIDAZOL-1-YL)PHENOL 'C9 H8 N2 O'
ZN non-polymer 'ZINC ION' 'Zn 2'
#
# COMPACT_ATOMS: atom_id res chain seq x y z
N MET A 22 10.84 17.90 12.63
CA MET A 22 11.85 17.12 11.82
C MET A 22 11.31 16.55 10.52
N ASP A 23 12.24 16.20 9.65
CA ASP A 23 11.97 16.09 8.24
C ASP A 23 11.67 14.63 7.88
N PHE A 24 10.48 14.20 8.26
CA PHE A 24 10.05 12.83 8.09
C PHE A 24 9.51 12.66 6.66
N ARG A 25 9.63 11.45 6.13
CA ARG A 25 9.14 11.14 4.81
C ARG A 25 8.65 9.71 4.80
N ILE A 26 7.61 9.42 4.02
CA ILE A 26 7.16 8.03 3.91
C ILE A 26 7.36 7.49 2.50
N GLY A 27 7.48 6.16 2.42
CA GLY A 27 7.63 5.45 1.16
C GLY A 27 6.75 4.23 1.17
N GLN A 28 6.39 3.75 -0.02
CA GLN A 28 5.61 2.55 -0.17
C GLN A 28 6.17 1.69 -1.29
N GLY A 29 5.99 0.38 -1.15
CA GLY A 29 6.49 -0.53 -2.19
C GLY A 29 5.58 -1.69 -2.47
N TYR A 30 5.73 -2.24 -3.67
CA TYR A 30 4.93 -3.31 -4.16
C TYR A 30 5.82 -4.25 -4.97
N ASP A 31 5.60 -5.56 -4.85
CA ASP A 31 6.23 -6.50 -5.75
C ASP A 31 5.39 -7.78 -5.87
N VAL A 32 5.51 -8.47 -7.01
CA VAL A 32 4.94 -9.77 -7.18
C VAL A 32 5.85 -10.57 -8.09
N HIS A 33 5.94 -11.87 -7.86
CA HIS A 33 6.67 -12.75 -8.74
C HIS A 33 5.86 -14.02 -8.88
N GLN A 34 6.03 -14.65 -10.03
CA GLN A 34 5.42 -15.91 -10.29
C GLN A 34 6.10 -17.00 -9.48
N LEU A 35 5.31 -18.00 -9.11
CA LEU A 35 5.80 -19.17 -8.36
C LEU A 35 5.92 -20.38 -9.33
N VAL A 36 7.13 -20.93 -9.49
CA VAL A 36 7.43 -21.95 -10.53
C VAL A 36 8.24 -23.11 -9.96
N PRO A 37 8.14 -24.30 -10.59
CA PRO A 37 9.01 -25.41 -10.17
C PRO A 37 10.51 -25.13 -10.41
N GLY A 38 11.37 -25.74 -9.61
CA GLY A 38 12.82 -25.73 -9.88
C GLY A 38 13.57 -24.48 -9.44
N ARG A 39 12.95 -23.64 -8.62
CA ARG A 39 13.60 -22.45 -8.04
C ARG A 39 13.52 -22.53 -6.51
N PRO A 40 14.58 -22.08 -5.80
CA PRO A 40 14.42 -21.92 -4.35
C PRO A 40 13.39 -20.89 -4.02
N LEU A 41 12.64 -21.11 -2.95
CA LEU A 41 11.76 -20.10 -2.40
C LEU A 41 12.51 -19.27 -1.37
N ILE A 42 12.82 -18.04 -1.74
CA ILE A 42 13.52 -17.12 -0.88
C ILE A 42 12.68 -15.86 -0.67
N ILE A 43 12.24 -15.68 0.58
CA ILE A 43 11.45 -14.52 0.99
C ILE A 43 12.04 -13.95 2.26
N GLY A 44 12.28 -12.63 2.28
CA GLY A 44 12.89 -11.93 3.39
C GLY A 44 14.25 -12.52 3.74
N GLY A 45 14.94 -13.03 2.72
CA GLY A 45 16.27 -13.64 2.88
C GLY A 45 16.27 -15.07 3.40
N VAL A 46 15.08 -15.59 3.73
CA VAL A 46 14.94 -16.91 4.28
C VAL A 46 14.65 -17.93 3.14
N THR A 47 15.48 -18.96 3.04
CA THR A 47 15.19 -20.11 2.15
C THR A 47 14.17 -21.01 2.84
N ILE A 48 13.00 -21.16 2.22
CA ILE A 48 11.89 -21.91 2.80
C ILE A 48 11.73 -23.23 2.06
N PRO A 49 11.76 -24.36 2.78
CA PRO A 49 11.54 -25.64 2.10
C PRO A 49 10.21 -25.60 1.36
N TYR A 50 10.25 -25.84 0.06
CA TYR A 50 9.06 -25.78 -0.76
C TYR A 50 9.42 -26.27 -2.12
N GLU A 51 8.47 -26.90 -2.79
CA GLU A 51 8.69 -27.49 -4.11
C GLU A 51 8.67 -26.48 -5.29
N ARG A 52 8.38 -25.23 -5.01
CA ARG A 52 8.42 -24.16 -6.02
C ARG A 52 9.15 -22.98 -5.44
N GLY A 53 9.55 -22.06 -6.31
CA GLY A 53 10.24 -20.85 -5.91
C GLY A 53 9.81 -19.70 -6.77
N LEU A 54 10.28 -18.50 -6.44
CA LEU A 54 9.85 -17.32 -7.17
C LEU A 54 10.78 -17.09 -8.37
N LEU A 55 10.19 -16.70 -9.50
CA LEU A 55 10.89 -16.52 -10.76
C LEU A 55 11.23 -15.04 -10.95
N GLY A 56 12.50 -14.76 -11.20
CA GLY A 56 12.99 -13.41 -11.53
C GLY A 56 14.45 -13.53 -11.98
N HIS A 57 15.09 -12.42 -12.32
CA HIS A 57 16.52 -12.48 -12.73
C HIS A 57 17.44 -12.58 -11.49
N SER A 58 17.05 -11.93 -10.39
CA SER A 58 17.75 -12.02 -9.11
C SER A 58 17.22 -13.29 -8.43
N ASP A 59 17.46 -13.41 -7.12
CA ASP A 59 16.85 -14.48 -6.34
C ASP A 59 15.32 -14.28 -6.20
N ALA A 60 14.77 -13.22 -6.81
CA ALA A 60 13.33 -13.00 -6.82
C ALA A 60 12.69 -12.82 -5.42
N ASP A 61 13.45 -12.28 -4.47
CA ASP A 61 12.95 -12.08 -3.12
C ASP A 61 11.93 -10.97 -3.08
N VAL A 62 10.66 -11.35 -3.18
CA VAL A 62 9.57 -10.38 -3.36
C VAL A 62 9.42 -9.42 -2.20
N LEU A 63 9.66 -9.89 -0.98
CA LEU A 63 9.55 -9.05 0.18
C LEU A 63 10.65 -8.05 0.24
N LEU A 64 11.90 -8.49 0.07
CA LEU A 64 13.01 -7.52 0.05
C LEU A 64 12.92 -6.48 -1.06
N HIS A 65 12.45 -6.84 -2.24
CA HIS A 65 12.29 -5.88 -3.30
C HIS A 65 11.24 -4.80 -2.92
N ALA A 66 10.12 -5.22 -2.38
CA ALA A 66 9.08 -4.26 -1.95
C ALA A 66 9.65 -3.29 -0.95
N ILE A 67 10.37 -3.82 0.05
CA ILE A 67 10.94 -2.93 1.09
C ILE A 67 12.00 -1.94 0.47
N THR A 68 12.80 -2.45 -0.44
CA THR A 68 13.81 -1.65 -1.16
C THR A 68 13.14 -0.50 -1.92
N ASP A 69 12.04 -0.80 -2.64
CA ASP A 69 11.26 0.26 -3.32
C ASP A 69 10.69 1.26 -2.36
N ALA A 70 10.19 0.78 -1.22
CA ALA A 70 9.65 1.69 -0.18
C ALA A 70 10.74 2.66 0.37
N LEU A 71 11.95 2.16 0.56
CA LEU A 71 13.03 3.02 1.06
C LEU A 71 13.53 4.03 0.02
N PHE A 72 13.73 3.56 -1.20
CA PHE A 72 14.11 4.48 -2.29
C PHE A 72 13.01 5.53 -2.47
N GLY A 73 11.76 5.11 -2.32
CA GLY A 73 10.63 5.99 -2.46
C GLY A 73 10.52 7.07 -1.42
N ALA A 74 10.71 6.70 -0.14
CA ALA A 74 10.81 7.64 0.99
C ALA A 74 11.89 8.71 0.82
N ALA A 75 13.02 8.31 0.25
CA ALA A 75 14.17 9.18 0.00
C ALA A 75 14.08 9.91 -1.35
N ALA A 76 13.03 9.65 -2.13
CA ALA A 76 12.83 10.24 -3.45
C ALA A 76 14.01 9.95 -4.37
N LEU A 77 14.44 8.67 -4.35
CA LEU A 77 15.56 8.22 -5.15
C LEU A 77 15.13 7.33 -6.33
N GLY A 78 13.85 7.38 -6.69
CA GLY A 78 13.32 6.59 -7.77
C GLY A 78 12.91 5.21 -7.29
N ASP A 79 13.43 4.20 -7.97
CA ASP A 79 12.96 2.82 -7.74
C ASP A 79 14.11 1.85 -7.94
N ILE A 80 13.82 0.59 -7.66
CA ILE A 80 14.83 -0.45 -7.60
C ILE A 80 15.44 -0.70 -8.99
N GLY A 81 14.64 -0.54 -10.04
CA GLY A 81 15.13 -0.75 -11.41
C GLY A 81 16.09 0.36 -11.85
N ARG A 82 15.88 1.59 -11.34
CA ARG A 82 16.84 2.70 -11.61
C ARG A 82 18.23 2.39 -11.00
N HIS A 83 18.22 1.80 -9.81
CA HIS A 83 19.45 1.59 -9.06
C HIS A 83 20.19 0.32 -9.38
N PHE A 84 19.48 -0.73 -9.77
CA PHE A 84 20.09 -2.04 -9.96
C PHE A 84 19.54 -2.56 -11.28
N SER A 85 20.26 -2.33 -12.36
CA SER A 85 19.76 -2.68 -13.71
CA SER A 85 19.80 -2.68 -13.70
C SER A 85 19.96 -4.18 -14.01
N ASP A 86 18.96 -4.79 -14.61
CA ASP A 86 19.07 -6.19 -15.02
C ASP A 86 19.99 -6.37 -16.24
N THR A 87 20.41 -5.26 -16.87
CA THR A 87 21.41 -5.32 -17.96
C THR A 87 22.82 -5.72 -17.43
N ASP A 88 23.03 -5.65 -16.11
CA ASP A 88 24.28 -6.07 -15.49
C ASP A 88 24.24 -7.60 -15.19
N PRO A 89 25.24 -8.38 -15.69
CA PRO A 89 25.35 -9.82 -15.38
C PRO A 89 25.29 -10.17 -13.87
N ARG A 90 25.80 -9.27 -13.02
CA ARG A 90 25.83 -9.46 -11.57
C ARG A 90 24.43 -9.45 -10.94
N PHE A 91 23.47 -8.86 -11.65
CA PHE A 91 22.07 -8.97 -11.24
C PHE A 91 21.53 -10.40 -11.32
N LYS A 92 22.07 -11.23 -12.23
CA LYS A 92 21.60 -12.61 -12.38
C LYS A 92 21.86 -13.41 -11.10
N GLY A 93 20.79 -13.91 -10.51
CA GLY A 93 20.88 -14.60 -9.24
C GLY A 93 21.33 -13.72 -8.10
N ALA A 94 21.31 -12.39 -8.30
CA ALA A 94 21.72 -11.41 -7.23
C ALA A 94 21.02 -11.67 -5.91
N ASP A 95 21.81 -11.54 -4.84
CA ASP A 95 21.32 -11.67 -3.48
C ASP A 95 20.57 -10.42 -3.17
N SER A 96 19.27 -10.54 -2.95
CA SER A 96 18.46 -9.38 -2.65
C SER A 96 18.77 -8.71 -1.29
N ARG A 97 19.39 -9.41 -0.37
CA ARG A 97 19.88 -8.76 0.87
C ARG A 97 21.02 -7.83 0.56
N ALA A 98 21.89 -8.22 -0.37
CA ALA A 98 23.00 -7.34 -0.74
C ALA A 98 22.43 -6.08 -1.43
N LEU A 99 21.41 -6.26 -2.26
CA LEU A 99 20.72 -5.13 -2.84
C LEU A 99 20.07 -4.22 -1.78
N LEU A 100 19.45 -4.84 -0.77
CA LEU A 100 18.79 -4.08 0.28
C LEU A 100 19.82 -3.30 1.05
N ARG A 101 20.95 -3.92 1.35
CA ARG A 101 22.03 -3.19 2.08
C ARG A 101 22.58 -2.01 1.28
N GLU A 102 22.75 -2.18 -0.02
CA GLU A 102 23.23 -1.08 -0.88
C GLU A 102 22.18 0.05 -0.98
N CYS A 103 20.90 -0.31 -1.08
CA CYS A 103 19.79 0.63 -0.99
C CYS A 103 19.87 1.44 0.31
N ALA A 104 20.01 0.77 1.44
CA ALA A 104 20.13 1.46 2.72
C ALA A 104 21.33 2.42 2.81
N SER A 105 22.46 1.99 2.27
N SER A 105 22.46 2.01 2.24
CA SER A 105 23.64 2.81 2.14
CA SER A 105 23.63 2.86 2.18
C SER A 105 23.40 4.07 1.29
C SER A 105 23.42 4.08 1.28
N ARG A 106 22.70 3.92 0.17
CA ARG A 106 22.36 5.08 -0.66
C ARG A 106 21.35 5.99 0.04
N VAL A 107 20.37 5.43 0.72
CA VAL A 107 19.42 6.22 1.48
C VAL A 107 20.14 7.04 2.56
N ALA A 108 21.07 6.41 3.29
CA ALA A 108 21.91 7.08 4.27
C ALA A 108 22.76 8.15 3.59
N GLN A 109 23.33 7.84 2.42
CA GLN A 109 24.19 8.80 1.74
C GLN A 109 23.40 10.03 1.32
N ALA A 110 22.13 9.83 1.02
CA ALA A 110 21.24 10.96 0.71
C ALA A 110 20.86 11.77 1.94
N GLY A 111 21.17 11.29 3.14
CA GLY A 111 20.98 12.07 4.38
C GLY A 111 19.86 11.56 5.28
N PHE A 112 19.31 10.38 4.99
CA PHE A 112 18.14 9.87 5.72
C PHE A 112 18.50 8.72 6.66
N ALA A 113 17.87 8.73 7.84
CA ALA A 113 17.91 7.65 8.78
C ALA A 113 16.56 6.93 8.71
N ILE A 114 16.58 5.60 8.75
CA ILE A 114 15.35 4.83 8.72
C ILE A 114 14.80 4.70 10.12
N ARG A 115 13.49 4.99 10.27
CA ARG A 115 12.78 4.89 11.57
C ARG A 115 12.01 3.57 11.73
N ASN A 116 11.33 3.11 10.69
CA ASN A 116 10.66 1.76 10.74
C ASN A 116 10.28 1.25 9.39
N VAL A 117 10.06 -0.05 9.36
CA VAL A 117 9.56 -0.71 8.20
C VAL A 117 8.45 -1.63 8.66
N ASP A 118 7.38 -1.62 7.86
CA ASP A 118 6.28 -2.61 7.98
C ASP A 118 6.06 -3.20 6.60
N SER A 119 5.51 -4.42 6.58
CA SER A 119 5.28 -5.11 5.34
C SER A 119 4.24 -6.23 5.47
N THR A 120 3.76 -6.73 4.32
CA THR A 120 2.81 -7.83 4.24
C THR A 120 3.25 -8.74 3.08
N ILE A 121 3.25 -10.04 3.31
CA ILE A 121 3.41 -11.03 2.22
C ILE A 121 2.04 -11.68 1.97
N ILE A 122 1.59 -11.79 0.72
CA ILE A 122 0.42 -12.53 0.45
C ILE A 122 0.73 -13.77 -0.36
N ALA A 123 0.43 -14.92 0.24
CA ALA A 123 0.78 -16.24 -0.30
C ALA A 123 -0.28 -17.22 0.18
N GLN A 124 -0.83 -17.99 -0.77
CA GLN A 124 -1.73 -19.10 -0.46
C GLN A 124 -0.96 -20.15 0.33
N ALA A 125 0.31 -20.34 -0.03
CA ALA A 125 1.16 -21.40 0.51
C ALA A 125 2.59 -21.04 0.14
N PRO A 126 3.58 -21.59 0.84
CA PRO A 126 3.48 -22.44 2.02
C PRO A 126 3.13 -21.61 3.24
N LYS A 127 3.06 -22.27 4.40
CA LYS A 127 2.82 -21.63 5.67
C LYS A 127 4.06 -20.79 6.01
N LEU A 128 3.87 -19.48 6.15
CA LEU A 128 4.98 -18.53 6.42
C LEU A 128 5.29 -18.24 7.88
N ALA A 129 4.30 -18.48 8.75
CA ALA A 129 4.43 -18.15 10.19
C ALA A 129 5.78 -18.60 10.81
N PRO A 130 6.18 -19.85 10.57
CA PRO A 130 7.43 -20.27 11.23
C PRO A 130 8.70 -19.60 10.72
N HIS A 131 8.61 -18.82 9.62
CA HIS A 131 9.77 -18.14 9.04
C HIS A 131 9.77 -16.66 9.23
N ILE A 132 8.66 -16.11 9.70
CA ILE A 132 8.51 -14.66 9.81
C ILE A 132 9.53 -13.96 10.70
N ASP A 133 9.78 -14.49 11.88
CA ASP A 133 10.77 -13.87 12.80
C ASP A 133 12.16 -13.84 12.19
N ALA A 134 12.52 -14.87 11.45
CA ALA A 134 13.83 -14.90 10.77
C ALA A 134 13.90 -13.86 9.64
N MET A 135 12.77 -13.62 8.97
CA MET A 135 12.73 -12.60 7.92
C MET A 135 12.92 -11.22 8.54
N ARG A 136 12.16 -10.98 9.59
CA ARG A 136 12.34 -9.75 10.34
C ARG A 136 13.78 -9.51 10.78
N ALA A 137 14.44 -10.56 11.31
CA ALA A 137 15.85 -10.47 11.77
C ALA A 137 16.76 -10.11 10.60
N ASN A 138 16.52 -10.68 9.42
CA ASN A 138 17.35 -10.38 8.26
C ASN A 138 17.21 -8.90 7.85
N ILE A 139 16.00 -8.43 7.79
CA ILE A 139 15.73 -7.04 7.39
C ILE A 139 16.39 -6.09 8.38
N ALA A 140 16.27 -6.42 9.67
CA ALA A 140 16.78 -5.53 10.75
C ALA A 140 18.29 -5.46 10.63
N ALA A 141 18.90 -6.61 10.40
CA ALA A 141 20.36 -6.68 10.17
C ALA A 141 20.78 -5.82 8.97
N ASP A 142 20.08 -5.95 7.84
CA ASP A 142 20.49 -5.23 6.62
C ASP A 142 20.27 -3.76 6.73
N LEU A 143 19.27 -3.35 7.51
CA LEU A 143 18.98 -1.93 7.69
C LEU A 143 19.64 -1.30 8.91
N ASP A 144 20.37 -2.14 9.64
CA ASP A 144 20.96 -1.78 10.91
C ASP A 144 19.92 -1.15 11.85
N LEU A 145 18.81 -1.87 12.01
CA LEU A 145 17.77 -1.46 12.96
C LEU A 145 17.60 -2.51 14.03
N PRO A 146 17.13 -2.09 15.19
CA PRO A 146 16.64 -3.07 16.12
C PRO A 146 15.40 -3.80 15.61
N LEU A 147 15.19 -5.00 16.10
CA LEU A 147 14.04 -5.82 15.73
C LEU A 147 12.71 -5.10 15.89
N ASP A 148 12.62 -4.26 16.92
N ASP A 148 12.57 -4.28 16.93
CA ASP A 148 11.37 -3.61 17.29
CA ASP A 148 11.28 -3.67 17.22
C ASP A 148 10.96 -2.46 16.37
C ASP A 148 10.97 -2.43 16.38
N ARG A 149 11.75 -2.21 15.32
CA ARG A 149 11.41 -1.24 14.30
C ARG A 149 11.17 -1.93 12.94
N VAL A 150 11.00 -3.24 12.95
CA VAL A 150 10.79 -3.99 11.70
C VAL A 150 9.67 -4.95 11.93
N ASN A 151 8.75 -4.98 10.98
CA ASN A 151 7.58 -5.84 11.05
C ASN A 151 7.25 -6.49 9.72
N VAL A 152 6.90 -7.78 9.79
CA VAL A 152 6.51 -8.56 8.63
C VAL A 152 5.23 -9.31 8.94
N LYS A 153 4.23 -9.15 8.06
CA LYS A 153 2.91 -9.73 8.25
C LYS A 153 2.64 -10.66 7.09
N ALA A 154 1.86 -11.70 7.35
CA ALA A 154 1.54 -12.64 6.32
C ALA A 154 0.03 -12.76 6.21
N LYS A 155 -0.46 -12.89 4.97
CA LYS A 155 -1.89 -12.97 4.63
C LYS A 155 -2.07 -14.06 3.54
N THR A 156 -3.20 -14.77 3.53
CA THR A 156 -3.62 -15.50 2.35
C THR A 156 -4.42 -14.46 1.57
N ASN A 157 -4.82 -14.79 0.34
CA ASN A 157 -5.75 -13.97 -0.43
C ASN A 157 -7.15 -14.53 -0.44
N GLU A 158 -7.49 -15.27 0.61
CA GLU A 158 -8.80 -15.92 0.76
C GLU A 158 -9.29 -16.61 -0.50
N LYS A 159 -8.37 -17.30 -1.15
CA LYS A 159 -8.64 -18.12 -2.30
C LYS A 159 -9.01 -17.30 -3.55
N LEU A 160 -8.84 -15.98 -3.54
CA LEU A 160 -9.22 -15.13 -4.67
C LEU A 160 -8.06 -14.89 -5.64
N GLY A 161 -8.35 -15.01 -6.93
CA GLY A 161 -7.42 -14.52 -7.94
C GLY A 161 -6.18 -15.37 -8.11
N TYR A 162 -5.23 -14.87 -8.91
CA TYR A 162 -3.99 -15.59 -9.19
C TYR A 162 -3.21 -15.90 -7.92
N LEU A 163 -3.31 -15.01 -6.92
CA LEU A 163 -2.70 -15.27 -5.62
C LEU A 163 -3.38 -16.44 -4.93
N GLY A 164 -4.70 -16.49 -5.01
CA GLY A 164 -5.47 -17.59 -4.38
C GLY A 164 -5.24 -18.91 -5.06
N ARG A 165 -4.93 -18.83 -6.34
CA ARG A 165 -4.57 -20.01 -7.13
C ARG A 165 -3.10 -20.41 -6.98
N GLY A 166 -2.35 -19.69 -6.16
CA GLY A 166 -0.95 -20.01 -5.95
C GLY A 166 -0.03 -19.81 -7.15
N GLU A 167 -0.37 -18.89 -8.05
CA GLU A 167 0.44 -18.59 -9.24
C GLU A 167 1.59 -17.59 -8.98
N GLY A 168 1.49 -16.84 -7.90
CA GLY A 168 2.54 -15.92 -7.52
C GLY A 168 2.45 -15.63 -6.05
N ILE A 169 3.37 -14.79 -5.56
CA ILE A 169 3.37 -14.27 -4.22
C ILE A 169 3.63 -12.76 -4.32
N GLU A 170 2.87 -12.00 -3.56
CA GLU A 170 2.92 -10.53 -3.57
C GLU A 170 3.50 -10.07 -2.26
N ALA A 171 4.21 -8.93 -2.27
CA ALA A 171 4.58 -8.24 -1.01
C ALA A 171 4.26 -6.75 -1.11
N GLN A 172 3.91 -6.16 0.03
CA GLN A 172 3.67 -4.76 0.19
C GLN A 172 4.57 -4.26 1.30
N ALA A 173 5.02 -3.03 1.19
CA ALA A 173 5.87 -2.44 2.22
C ALA A 173 5.62 -0.98 2.42
N ALA A 174 5.91 -0.53 3.64
CA ALA A 174 5.85 0.88 4.02
C ALA A 174 7.10 1.20 4.86
N ALA A 175 7.69 2.38 4.65
CA ALA A 175 8.85 2.80 5.41
C ALA A 175 8.74 4.25 5.83
N LEU A 176 9.24 4.56 7.02
CA LEU A 176 9.33 5.92 7.47
C LEU A 176 10.79 6.21 7.67
N VAL A 177 11.26 7.33 7.12
CA VAL A 177 12.64 7.76 7.29
C VAL A 177 12.60 9.21 7.76
N VAL A 178 13.76 9.71 8.17
CA VAL A 178 13.90 11.08 8.56
C VAL A 178 15.22 11.65 8.01
N ARG A 179 15.16 12.84 7.42
CA ARG A 179 16.34 13.55 6.91
C ARG A 179 16.97 14.37 8.01
N MET B 22 5.55 16.99 16.52
CA MET B 22 4.36 17.73 16.00
C MET B 22 3.34 16.79 15.30
N ASP B 23 2.41 17.35 14.53
CA ASP B 23 1.15 16.66 14.26
C ASP B 23 1.09 16.06 12.84
N PHE B 24 1.87 15.02 12.64
CA PHE B 24 1.96 14.33 11.35
C PHE B 24 0.75 13.43 11.10
N ARG B 25 0.41 13.22 9.82
CA ARG B 25 -0.66 12.30 9.42
C ARG B 25 -0.24 11.62 8.13
N ILE B 26 -0.65 10.36 7.99
CA ILE B 26 -0.44 9.61 6.77
C ILE B 26 -1.74 9.34 6.02
N GLY B 27 -1.61 9.28 4.71
CA GLY B 27 -2.67 8.87 3.82
C GLY B 27 -2.15 7.92 2.75
N GLN B 28 -3.09 7.15 2.22
CA GLN B 28 -2.81 6.17 1.21
C GLN B 28 -3.91 6.24 0.15
N GLY B 29 -3.54 5.89 -1.08
CA GLY B 29 -4.39 6.01 -2.21
C GLY B 29 -4.23 4.86 -3.20
N TYR B 30 -5.33 4.55 -3.88
CA TYR B 30 -5.39 3.47 -4.85
C TYR B 30 -6.26 3.89 -6.01
N ASP B 31 -5.89 3.46 -7.20
CA ASP B 31 -6.76 3.66 -8.35
C ASP B 31 -6.35 2.66 -9.42
N VAL B 32 -7.30 2.33 -10.28
CA VAL B 32 -7.14 1.44 -11.42
C VAL B 32 -8.07 1.91 -12.52
N HIS B 33 -7.61 1.83 -13.75
CA HIS B 33 -8.45 2.09 -14.92
C HIS B 33 -8.14 1.05 -15.99
N GLN B 34 -9.16 0.70 -16.79
CA GLN B 34 -8.99 -0.25 -17.88
C GLN B 34 -8.18 0.41 -19.00
N LEU B 35 -7.45 -0.40 -19.74
CA LEU B 35 -6.54 0.09 -20.75
C LEU B 35 -7.12 -0.43 -22.09
N VAL B 36 -7.51 0.47 -22.98
CA VAL B 36 -8.07 0.07 -24.27
C VAL B 36 -7.72 0.99 -25.43
N PRO B 37 -7.81 0.47 -26.67
CA PRO B 37 -7.65 1.31 -27.85
C PRO B 37 -8.63 2.45 -27.85
N GLY B 38 -8.26 3.55 -28.47
CA GLY B 38 -9.21 4.64 -28.73
C GLY B 38 -9.07 5.82 -27.78
N ARG B 39 -8.26 5.64 -26.73
CA ARG B 39 -8.04 6.72 -25.75
C ARG B 39 -6.53 6.96 -25.62
N PRO B 40 -6.12 8.22 -25.39
CA PRO B 40 -4.70 8.49 -25.14
C PRO B 40 -4.28 8.00 -23.76
N LEU B 41 -2.99 7.75 -23.57
CA LEU B 41 -2.48 7.36 -22.27
C LEU B 41 -1.91 8.58 -21.57
N ILE B 42 -2.58 9.01 -20.50
CA ILE B 42 -2.14 10.15 -19.69
C ILE B 42 -1.91 9.64 -18.28
N ILE B 43 -0.66 9.73 -17.82
CA ILE B 43 -0.33 9.25 -16.48
C ILE B 43 0.57 10.29 -15.86
N GLY B 44 0.21 10.75 -14.65
CA GLY B 44 0.98 11.81 -13.97
C GLY B 44 1.04 13.09 -14.77
N GLY B 45 -0.06 13.36 -15.50
CA GLY B 45 -0.16 14.56 -16.40
C GLY B 45 0.65 14.48 -17.68
N VAL B 46 1.30 13.33 -17.91
CA VAL B 46 2.11 13.12 -19.09
C VAL B 46 1.34 12.31 -20.08
N THR B 47 1.31 12.77 -21.33
CA THR B 47 0.76 11.99 -22.43
C THR B 47 1.88 11.12 -22.95
N ILE B 48 1.62 9.83 -23.02
CA ILE B 48 2.62 8.84 -23.36
C ILE B 48 2.17 8.15 -24.61
N PRO B 49 3.08 8.08 -25.60
CA PRO B 49 2.72 7.50 -26.90
C PRO B 49 2.45 6.03 -26.75
N TYR B 50 1.26 5.58 -27.13
CA TYR B 50 0.88 4.18 -26.93
C TYR B 50 -0.36 3.80 -27.72
N GLU B 51 -0.43 2.53 -28.12
CA GLU B 51 -1.54 2.05 -28.93
C GLU B 51 -2.88 2.13 -28.19
N ARG B 52 -2.84 2.24 -26.86
CA ARG B 52 -4.05 2.22 -26.03
C ARG B 52 -4.00 3.25 -24.93
N GLY B 53 -5.12 3.44 -24.25
CA GLY B 53 -5.20 4.44 -23.18
C GLY B 53 -6.24 4.10 -22.14
N LEU B 54 -6.23 4.90 -21.07
CA LEU B 54 -7.02 4.56 -19.89
C LEU B 54 -8.46 5.06 -20.02
N LEU B 55 -9.42 4.19 -19.70
CA LEU B 55 -10.83 4.53 -19.73
C LEU B 55 -11.29 5.09 -18.39
N GLY B 56 -11.89 6.29 -18.39
CA GLY B 56 -12.42 6.94 -17.18
C GLY B 56 -13.30 8.14 -17.51
N HIS B 57 -13.81 8.83 -16.49
CA HIS B 57 -14.74 9.95 -16.72
C HIS B 57 -14.02 11.11 -17.42
N SER B 58 -12.91 11.55 -16.84
CA SER B 58 -12.11 12.64 -17.40
C SER B 58 -10.93 12.03 -18.15
N ASP B 59 -9.70 12.44 -17.77
CA ASP B 59 -8.47 11.97 -18.43
C ASP B 59 -8.04 10.57 -17.93
N ALA B 60 -8.72 10.04 -16.92
CA ALA B 60 -8.41 8.70 -16.43
C ALA B 60 -6.97 8.62 -15.91
N ASP B 61 -6.44 9.72 -15.36
CA ASP B 61 -5.06 9.77 -14.87
C ASP B 61 -4.92 9.02 -13.55
N VAL B 62 -4.62 7.73 -13.65
CA VAL B 62 -4.64 6.80 -12.51
C VAL B 62 -3.69 7.21 -11.39
N LEU B 63 -2.56 7.82 -11.74
CA LEU B 63 -1.54 8.22 -10.77
C LEU B 63 -2.00 9.44 -10.03
N LEU B 64 -2.49 10.46 -10.75
CA LEU B 64 -2.95 11.68 -10.05
C LEU B 64 -4.14 11.39 -9.13
N HIS B 65 -5.06 10.57 -9.60
CA HIS B 65 -6.20 10.15 -8.75
C HIS B 65 -5.78 9.45 -7.43
N ALA B 66 -4.90 8.47 -7.53
CA ALA B 66 -4.34 7.81 -6.33
C ALA B 66 -3.66 8.82 -5.38
N ILE B 67 -2.87 9.72 -5.91
CA ILE B 67 -2.19 10.71 -5.06
C ILE B 67 -3.20 11.68 -4.37
N THR B 68 -4.20 12.12 -5.13
CA THR B 68 -5.28 12.98 -4.62
C THR B 68 -5.99 12.32 -3.46
N ASP B 69 -6.29 11.03 -3.62
CA ASP B 69 -6.90 10.23 -2.55
C ASP B 69 -6.00 10.12 -1.30
N ALA B 70 -4.71 9.92 -1.48
CA ALA B 70 -3.80 9.85 -0.36
C ALA B 70 -3.76 11.16 0.41
N LEU B 71 -3.83 12.27 -0.30
CA LEU B 71 -3.83 13.60 0.32
C LEU B 71 -5.11 13.91 1.12
N PHE B 72 -6.25 13.70 0.52
CA PHE B 72 -7.51 13.77 1.24
C PHE B 72 -7.54 12.80 2.44
N GLY B 73 -6.94 11.64 2.28
CA GLY B 73 -6.95 10.64 3.33
C GLY B 73 -6.11 11.09 4.53
N ALA B 74 -4.95 11.68 4.24
CA ALA B 74 -4.06 12.19 5.27
C ALA B 74 -4.74 13.31 6.09
N ALA B 75 -5.52 14.15 5.40
CA ALA B 75 -6.27 15.26 6.00
C ALA B 75 -7.61 14.82 6.62
N ALA B 76 -7.96 13.53 6.49
CA ALA B 76 -9.27 13.01 6.90
C ALA B 76 -10.42 13.83 6.29
N LEU B 77 -10.31 14.10 5.00
CA LEU B 77 -11.32 14.81 4.25
C LEU B 77 -12.15 13.91 3.32
N GLY B 78 -12.23 12.62 3.64
CA GLY B 78 -13.03 11.71 2.83
C GLY B 78 -12.25 11.27 1.60
N ASP B 79 -12.86 11.41 0.42
CA ASP B 79 -12.18 10.92 -0.79
C ASP B 79 -12.47 11.75 -2.05
N ILE B 80 -11.75 11.43 -3.12
CA ILE B 80 -11.78 12.21 -4.33
C ILE B 80 -13.20 12.32 -4.88
N GLY B 81 -13.98 11.23 -4.81
CA GLY B 81 -15.37 11.21 -5.32
C GLY B 81 -16.35 12.08 -4.54
N ARG B 82 -16.09 12.28 -3.25
CA ARG B 82 -16.91 13.15 -2.41
C ARG B 82 -16.62 14.64 -2.62
N HIS B 83 -15.37 14.96 -2.94
CA HIS B 83 -15.01 16.35 -3.26
C HIS B 83 -15.44 16.75 -4.67
N PHE B 84 -15.26 15.84 -5.64
CA PHE B 84 -15.43 16.18 -7.05
C PHE B 84 -16.42 15.23 -7.74
N GLY B 93 -15.70 18.99 -16.67
CA GLY B 93 -14.59 18.93 -17.64
C GLY B 93 -13.19 18.95 -17.04
N ALA B 94 -13.07 19.31 -15.75
CA ALA B 94 -11.75 19.50 -15.13
C ALA B 94 -10.78 18.36 -15.43
N ASP B 95 -9.51 18.68 -15.64
CA ASP B 95 -8.49 17.64 -15.80
C ASP B 95 -7.86 17.31 -14.44
N SER B 96 -7.23 16.16 -14.37
CA SER B 96 -6.78 15.61 -13.07
C SER B 96 -5.75 16.49 -12.32
N ARG B 97 -5.01 17.31 -13.05
CA ARG B 97 -4.10 18.26 -12.44
C ARG B 97 -4.83 19.40 -11.73
N ALA B 98 -5.93 19.89 -12.32
CA ALA B 98 -6.74 20.92 -11.67
C ALA B 98 -7.34 20.35 -10.42
N LEU B 99 -7.75 19.09 -10.47
CA LEU B 99 -8.30 18.43 -9.30
C LEU B 99 -7.24 18.29 -8.21
N LEU B 100 -6.03 17.90 -8.62
CA LEU B 100 -4.90 17.80 -7.69
C LEU B 100 -4.59 19.15 -7.00
N ARG B 101 -4.58 20.23 -7.79
CA ARG B 101 -4.42 21.57 -7.22
C ARG B 101 -5.51 21.97 -6.24
N GLU B 102 -6.77 21.69 -6.57
CA GLU B 102 -7.88 22.03 -5.66
C GLU B 102 -7.78 21.21 -4.38
N CYS B 103 -7.41 19.93 -4.54
CA CYS B 103 -7.12 19.07 -3.41
C CYS B 103 -6.08 19.67 -2.46
N ALA B 104 -4.94 20.09 -3.00
CA ALA B 104 -3.87 20.70 -2.19
C ALA B 104 -4.35 21.96 -1.42
N SER B 105 -5.17 22.76 -2.07
CA SER B 105 -5.74 23.94 -1.45
C SER B 105 -6.67 23.62 -0.27
N ARG B 106 -7.51 22.58 -0.44
CA ARG B 106 -8.36 22.08 0.64
C ARG B 106 -7.55 21.49 1.80
N VAL B 107 -6.49 20.73 1.45
CA VAL B 107 -5.58 20.19 2.45
C VAL B 107 -4.95 21.36 3.23
N ALA B 108 -4.51 22.37 2.49
CA ALA B 108 -3.93 23.57 3.10
C ALA B 108 -4.93 24.27 4.03
N GLN B 109 -6.19 24.34 3.62
CA GLN B 109 -7.19 25.07 4.38
C GLN B 109 -7.63 24.33 5.65
N ALA B 110 -7.48 23.02 5.62
CA ALA B 110 -7.68 22.18 6.79
C ALA B 110 -6.50 22.30 7.78
N GLY B 111 -5.44 22.97 7.36
CA GLY B 111 -4.33 23.27 8.26
C GLY B 111 -3.06 22.47 8.08
N PHE B 112 -2.97 21.71 6.98
CA PHE B 112 -1.87 20.76 6.75
C PHE B 112 -0.93 21.22 5.64
N ALA B 113 0.35 20.98 5.86
CA ALA B 113 1.38 21.18 4.84
C ALA B 113 1.82 19.82 4.37
N ILE B 114 2.07 19.69 3.06
CA ILE B 114 2.44 18.37 2.52
C ILE B 114 3.96 18.25 2.70
N ARG B 115 4.37 17.11 3.24
CA ARG B 115 5.77 16.83 3.48
C ARG B 115 6.34 15.99 2.36
N ASN B 116 5.64 14.94 1.93
CA ASN B 116 6.12 14.17 0.78
C ASN B 116 5.07 13.24 0.21
N VAL B 117 5.33 12.80 -1.04
CA VAL B 117 4.50 11.86 -1.78
C VAL B 117 5.37 10.80 -2.40
N ASP B 118 4.96 9.53 -2.24
CA ASP B 118 5.57 8.41 -2.96
C ASP B 118 4.46 7.61 -3.63
N SER B 119 4.81 6.93 -4.73
CA SER B 119 3.81 6.26 -5.50
C SER B 119 4.39 5.14 -6.39
N THR B 120 3.53 4.29 -6.90
CA THR B 120 3.93 3.18 -7.80
C THR B 120 2.86 3.06 -8.87
N ILE B 121 3.29 2.98 -10.11
CA ILE B 121 2.42 2.66 -11.22
C ILE B 121 2.71 1.20 -11.55
N ILE B 122 1.67 0.38 -11.67
CA ILE B 122 1.83 -0.97 -12.13
C ILE B 122 1.22 -1.07 -13.53
N ALA B 123 2.08 -1.23 -14.50
CA ALA B 123 1.75 -1.28 -15.92
C ALA B 123 2.70 -2.28 -16.54
N GLN B 124 2.16 -3.26 -17.24
CA GLN B 124 2.98 -4.24 -17.94
C GLN B 124 3.68 -3.52 -19.11
N ALA B 125 3.01 -2.51 -19.65
CA ALA B 125 3.55 -1.72 -20.76
C ALA B 125 2.70 -0.49 -20.87
N PRO B 126 3.26 0.58 -21.45
CA PRO B 126 4.59 0.75 -22.01
C PRO B 126 5.68 1.03 -20.98
N LYS B 127 6.91 1.25 -21.46
CA LYS B 127 8.03 1.59 -20.59
C LYS B 127 7.77 2.99 -20.03
N LEU B 128 7.74 3.11 -18.71
CA LEU B 128 7.44 4.39 -18.06
C LEU B 128 8.67 5.19 -17.57
N ALA B 129 9.80 4.52 -17.40
CA ALA B 129 11.02 5.15 -16.88
C ALA B 129 11.34 6.50 -17.53
N PRO B 130 11.19 6.62 -18.85
CA PRO B 130 11.62 7.87 -19.48
C PRO B 130 10.73 9.06 -19.17
N HIS B 131 9.54 8.80 -18.62
CA HIS B 131 8.53 9.83 -18.36
C HIS B 131 8.44 10.17 -16.88
N ILE B 132 9.24 9.50 -16.06
CA ILE B 132 9.14 9.64 -14.62
C ILE B 132 9.46 11.05 -14.14
N ASP B 133 10.54 11.63 -14.65
CA ASP B 133 10.88 12.99 -14.21
C ASP B 133 9.80 13.98 -14.62
N ALA B 134 9.22 13.75 -15.80
CA ALA B 134 8.11 14.61 -16.27
C ALA B 134 6.93 14.54 -15.29
N MET B 135 6.56 13.33 -14.85
CA MET B 135 5.45 13.15 -13.90
C MET B 135 5.70 13.80 -12.54
N ARG B 136 6.89 13.52 -12.01
CA ARG B 136 7.34 14.13 -10.77
CA ARG B 136 7.37 14.14 -10.77
C ARG B 136 7.29 15.65 -10.82
N ALA B 137 7.74 16.20 -11.94
CA ALA B 137 7.74 17.65 -12.14
C ALA B 137 6.30 18.22 -12.19
N ASN B 138 5.39 17.54 -12.87
CA ASN B 138 3.95 17.92 -12.87
C ASN B 138 3.36 17.84 -11.46
N ILE B 139 3.59 16.72 -10.76
CA ILE B 139 3.02 16.55 -9.43
C ILE B 139 3.57 17.64 -8.46
N ALA B 140 4.87 17.86 -8.50
CA ALA B 140 5.56 18.80 -7.61
C ALA B 140 5.04 20.25 -7.78
N ALA B 141 4.92 20.64 -9.04
CA ALA B 141 4.30 21.91 -9.45
C ALA B 141 2.88 22.07 -8.86
N ASP B 142 2.05 21.03 -8.99
CA ASP B 142 0.67 21.10 -8.54
C ASP B 142 0.52 21.13 -7.03
N LEU B 143 1.43 20.48 -6.31
CA LEU B 143 1.41 20.52 -4.87
C LEU B 143 2.28 21.62 -4.27
N ASP B 144 2.99 22.38 -5.10
CA ASP B 144 3.94 23.41 -4.61
C ASP B 144 4.97 22.80 -3.66
N LEU B 145 5.52 21.68 -4.09
CA LEU B 145 6.57 20.97 -3.36
C LEU B 145 7.89 21.04 -4.10
N PRO B 146 9.01 21.07 -3.36
CA PRO B 146 10.27 20.76 -3.97
C PRO B 146 10.28 19.39 -4.64
N LEU B 147 11.01 19.29 -5.74
CA LEU B 147 11.04 18.06 -6.50
C LEU B 147 11.50 16.86 -5.66
N ASP B 148 12.40 17.10 -4.70
CA ASP B 148 12.89 16.03 -3.85
C ASP B 148 11.93 15.53 -2.78
N ARG B 149 10.66 15.98 -2.79
CA ARG B 149 9.62 15.45 -1.90
C ARG B 149 8.56 14.67 -2.67
N VAL B 150 8.83 14.41 -3.96
CA VAL B 150 7.89 13.71 -4.81
C VAL B 150 8.63 12.57 -5.50
N ASN B 151 8.08 11.38 -5.41
CA ASN B 151 8.65 10.21 -6.06
C ASN B 151 7.58 9.39 -6.75
N VAL B 152 7.95 8.89 -7.92
CA VAL B 152 7.12 7.99 -8.69
C VAL B 152 7.93 6.77 -9.12
N LYS B 153 7.38 5.56 -8.90
CA LYS B 153 8.05 4.29 -9.19
C LYS B 153 7.17 3.52 -10.14
N ALA B 154 7.75 2.58 -10.87
CA ALA B 154 7.02 1.78 -11.87
C ALA B 154 7.35 0.31 -11.68
N LYS B 155 6.36 -0.56 -11.96
CA LYS B 155 6.49 -2.00 -11.80
C LYS B 155 5.67 -2.66 -12.91
N THR B 156 6.08 -3.83 -13.40
CA THR B 156 5.17 -4.68 -14.12
C THR B 156 4.47 -5.58 -13.11
N ASN B 157 3.53 -6.38 -13.60
CA ASN B 157 2.90 -7.38 -12.73
C ASN B 157 3.33 -8.80 -13.04
N GLU B 158 4.53 -8.94 -13.64
CA GLU B 158 5.11 -10.25 -13.96
C GLU B 158 4.12 -11.14 -14.68
N LYS B 159 3.32 -10.52 -15.53
CA LYS B 159 2.34 -11.18 -16.38
C LYS B 159 1.24 -11.93 -15.64
N LEU B 160 0.95 -11.52 -14.39
CA LEU B 160 -0.11 -12.14 -13.61
C LEU B 160 -1.32 -11.24 -13.65
N GLY B 161 -2.50 -11.83 -13.85
CA GLY B 161 -3.72 -11.07 -13.64
C GLY B 161 -4.03 -10.12 -14.76
N TYR B 162 -5.10 -9.35 -14.58
CA TYR B 162 -5.51 -8.37 -15.60
C TYR B 162 -4.41 -7.30 -15.88
N LEU B 163 -3.63 -6.96 -14.87
CA LEU B 163 -2.50 -6.04 -15.07
C LEU B 163 -1.43 -6.70 -15.92
N GLY B 164 -1.12 -7.96 -15.62
CA GLY B 164 -0.07 -8.66 -16.35
C GLY B 164 -0.43 -8.94 -17.79
N ARG B 165 -1.74 -8.95 -18.09
CA ARG B 165 -2.20 -9.12 -19.44
C ARG B 165 -2.40 -7.78 -20.17
N GLY B 166 -2.10 -6.68 -19.51
CA GLY B 166 -2.22 -5.34 -20.10
C GLY B 166 -3.66 -4.84 -20.23
N GLU B 167 -4.55 -5.32 -19.36
CA GLU B 167 -5.99 -4.95 -19.42
C GLU B 167 -6.33 -3.71 -18.59
N GLY B 168 -5.37 -3.32 -17.75
CA GLY B 168 -5.50 -2.13 -16.93
C GLY B 168 -4.15 -1.69 -16.41
N ILE B 169 -4.16 -0.53 -15.74
CA ILE B 169 -3.00 0.00 -15.04
C ILE B 169 -3.47 0.47 -13.69
N GLU B 170 -2.67 0.14 -12.67
CA GLU B 170 -2.97 0.46 -11.30
C GLU B 170 -2.00 1.52 -10.82
N ALA B 171 -2.44 2.33 -9.87
CA ALA B 171 -1.55 3.16 -9.09
C ALA B 171 -1.84 3.15 -7.63
N GLN B 172 -0.74 3.25 -6.88
CA GLN B 172 -0.70 3.29 -5.43
C GLN B 172 0.03 4.56 -4.96
N ALA B 173 -0.44 5.20 -3.89
CA ALA B 173 0.22 6.41 -3.39
C ALA B 173 0.21 6.44 -1.87
N ALA B 174 1.26 7.04 -1.33
CA ALA B 174 1.39 7.37 0.09
C ALA B 174 1.73 8.87 0.22
N ALA B 175 1.12 9.54 1.18
CA ALA B 175 1.40 10.94 1.44
C ALA B 175 1.59 11.17 2.95
N LEU B 176 2.55 12.00 3.30
CA LEU B 176 2.73 12.48 4.66
C LEU B 176 2.48 13.98 4.69
N VAL B 177 1.65 14.41 5.65
CA VAL B 177 1.38 15.80 5.89
C VAL B 177 1.67 16.12 7.36
N VAL B 178 1.70 17.41 7.69
CA VAL B 178 1.78 17.87 9.09
C VAL B 178 0.82 19.05 9.32
N ARG B 179 0.09 19.01 10.42
CA ARG B 179 -0.79 20.12 10.83
C ARG B 179 0.07 21.24 11.37
N GLU B 180 0.09 22.35 10.65
CA GLU B 180 0.83 23.56 11.02
C GLU B 180 -0.07 24.55 11.74
N MET C 22 8.93 13.15 17.17
CA MET C 22 9.68 12.21 18.03
C MET C 22 9.63 10.79 17.39
N ASP C 23 9.27 9.76 18.15
CA ASP C 23 9.45 8.42 17.68
C ASP C 23 8.22 7.89 16.91
N PHE C 24 8.03 8.40 15.72
CA PHE C 24 6.90 7.99 14.89
C PHE C 24 7.17 6.67 14.19
N ARG C 25 6.09 5.95 13.91
CA ARG C 25 6.16 4.69 13.16
C ARG C 25 4.97 4.63 12.24
N ILE C 26 5.14 4.02 11.07
CA ILE C 26 4.02 3.79 10.17
C ILE C 26 3.75 2.32 9.98
N GLY C 27 2.49 2.04 9.69
CA GLY C 27 2.02 0.66 9.43
C GLY C 27 1.08 0.63 8.26
N GLN C 28 0.99 -0.53 7.64
CA GLN C 28 0.14 -0.69 6.48
C GLN C 28 -0.57 -2.02 6.60
N GLY C 29 -1.79 -2.08 6.10
CA GLY C 29 -2.60 -3.26 6.23
C GLY C 29 -3.37 -3.58 4.98
N TYR C 30 -3.63 -4.87 4.81
CA TYR C 30 -4.36 -5.38 3.65
C TYR C 30 -5.28 -6.50 4.06
N ASP C 31 -6.47 -6.53 3.50
CA ASP C 31 -7.32 -7.71 3.66
C ASP C 31 -8.23 -7.87 2.49
N VAL C 32 -8.70 -9.09 2.29
CA VAL C 32 -9.73 -9.34 1.27
C VAL C 32 -10.56 -10.52 1.77
N HIS C 33 -11.86 -10.45 1.53
CA HIS C 33 -12.75 -11.59 1.82
C HIS C 33 -13.69 -11.83 0.61
N GLN C 34 -14.10 -13.07 0.45
CA GLN C 34 -15.08 -13.44 -0.56
C GLN C 34 -16.47 -12.99 -0.17
N LEU C 35 -17.22 -12.59 -1.18
CA LEU C 35 -18.65 -12.33 -1.07
C LEU C 35 -19.46 -13.62 -1.34
N VAL C 36 -20.28 -13.99 -0.38
CA VAL C 36 -21.03 -15.25 -0.44
C VAL C 36 -22.50 -15.01 -0.07
N PRO C 37 -23.41 -15.87 -0.56
CA PRO C 37 -24.84 -15.70 -0.23
C PRO C 37 -25.15 -16.00 1.22
N GLY C 38 -26.24 -15.43 1.72
CA GLY C 38 -26.73 -15.76 3.07
C GLY C 38 -25.79 -15.36 4.19
N ARG C 39 -25.03 -14.30 3.98
CA ARG C 39 -24.24 -13.70 5.03
C ARG C 39 -24.52 -12.19 5.02
N PRO C 40 -24.55 -11.56 6.19
CA PRO C 40 -24.70 -10.10 6.21
C PRO C 40 -23.40 -9.42 5.72
N LEU C 41 -23.54 -8.28 5.07
CA LEU C 41 -22.39 -7.50 4.68
C LEU C 41 -22.12 -6.50 5.78
N ILE C 42 -21.00 -6.68 6.47
CA ILE C 42 -20.61 -5.78 7.54
C ILE C 42 -19.27 -5.16 7.22
N ILE C 43 -19.23 -3.84 7.01
CA ILE C 43 -17.96 -3.17 6.70
C ILE C 43 -17.80 -1.96 7.61
N GLY C 44 -16.67 -1.83 8.28
CA GLY C 44 -16.45 -0.70 9.19
C GLY C 44 -17.48 -0.71 10.32
N GLY C 45 -17.92 -1.91 10.67
CA GLY C 45 -18.93 -2.14 11.65
C GLY C 45 -20.36 -1.82 11.24
N VAL C 46 -20.57 -1.45 9.98
CA VAL C 46 -21.89 -1.06 9.50
C VAL C 46 -22.52 -2.20 8.72
N THR C 47 -23.76 -2.57 9.06
CA THR C 47 -24.49 -3.54 8.27
C THR C 47 -25.12 -2.85 7.08
N ILE C 48 -24.77 -3.31 5.88
CA ILE C 48 -25.19 -2.68 4.65
C ILE C 48 -26.08 -3.67 3.91
N PRO C 49 -27.33 -3.25 3.60
CA PRO C 49 -28.26 -4.15 2.90
C PRO C 49 -27.65 -4.61 1.60
N TYR C 50 -27.66 -5.92 1.37
CA TYR C 50 -27.04 -6.51 0.18
C TYR C 50 -27.28 -8.02 0.10
N GLU C 51 -27.40 -8.55 -1.11
CA GLU C 51 -27.73 -9.96 -1.32
C GLU C 51 -26.61 -10.96 -0.89
N ARG C 52 -25.38 -10.47 -0.76
CA ARG C 52 -24.25 -11.26 -0.29
C ARG C 52 -23.60 -10.58 0.92
N GLY C 53 -22.77 -11.32 1.62
CA GLY C 53 -21.93 -10.74 2.67
C GLY C 53 -20.59 -11.41 2.66
N LEU C 54 -19.72 -10.98 3.58
CA LEU C 54 -18.32 -11.43 3.58
C LEU C 54 -18.08 -12.71 4.42
N LEU C 55 -17.26 -13.60 3.88
CA LEU C 55 -16.95 -14.90 4.46
C LEU C 55 -15.65 -14.85 5.28
N GLY C 56 -15.71 -15.31 6.53
CA GLY C 56 -14.54 -15.40 7.40
C GLY C 56 -14.95 -16.06 8.71
N HIS C 57 -13.99 -16.40 9.56
CA HIS C 57 -14.32 -17.13 10.80
C HIS C 57 -15.09 -16.18 11.73
N SER C 58 -14.63 -14.93 11.79
CA SER C 58 -15.34 -13.89 12.54
C SER C 58 -16.48 -13.38 11.66
N ASP C 59 -16.85 -12.11 11.82
CA ASP C 59 -17.85 -11.43 10.97
C ASP C 59 -17.26 -10.89 9.67
N ALA C 60 -15.98 -11.19 9.43
CA ALA C 60 -15.38 -10.92 8.15
C ALA C 60 -15.32 -9.45 7.75
N ASP C 61 -15.19 -8.55 8.73
CA ASP C 61 -15.15 -7.10 8.48
C ASP C 61 -13.74 -6.75 7.89
N VAL C 62 -13.67 -6.85 6.56
CA VAL C 62 -12.45 -6.57 5.79
C VAL C 62 -11.79 -5.21 6.14
N LEU C 63 -12.58 -4.15 6.32
CA LEU C 63 -12.01 -2.85 6.63
C LEU C 63 -11.35 -2.85 8.02
N LEU C 64 -12.05 -3.40 9.03
CA LEU C 64 -11.53 -3.37 10.38
C LEU C 64 -10.28 -4.24 10.51
N HIS C 65 -10.28 -5.38 9.83
CA HIS C 65 -9.11 -6.26 9.76
C HIS C 65 -7.87 -5.55 9.13
N ALA C 66 -8.04 -4.82 8.07
CA ALA C 66 -6.92 -4.12 7.46
C ALA C 66 -6.36 -3.07 8.39
N ILE C 67 -7.22 -2.30 9.02
CA ILE C 67 -6.78 -1.31 10.00
C ILE C 67 -6.08 -1.93 11.18
N THR C 68 -6.64 -3.03 11.68
CA THR C 68 -6.02 -3.80 12.77
C THR C 68 -4.58 -4.22 12.39
N ASP C 69 -4.41 -4.73 11.16
CA ASP C 69 -3.11 -5.17 10.69
C ASP C 69 -2.15 -3.98 10.55
N ALA C 70 -2.66 -2.86 10.06
CA ALA C 70 -1.86 -1.62 9.98
C ALA C 70 -1.35 -1.12 11.34
N LEU C 71 -2.20 -1.21 12.38
CA LEU C 71 -1.85 -0.80 13.74
C LEU C 71 -0.81 -1.74 14.36
N PHE C 72 -1.02 -3.05 14.22
CA PHE C 72 -0.02 -3.99 14.72
C PHE C 72 1.31 -3.78 13.97
N GLY C 73 1.24 -3.53 12.66
CA GLY C 73 2.46 -3.36 11.87
C GLY C 73 3.24 -2.14 12.33
N ALA C 74 2.54 -1.04 12.58
CA ALA C 74 3.17 0.21 13.09
C ALA C 74 3.83 0.08 14.44
N ALA C 75 3.23 -0.74 15.33
CA ALA C 75 3.79 -1.02 16.64
C ALA C 75 4.78 -2.19 16.62
N ALA C 76 5.02 -2.77 15.46
CA ALA C 76 5.87 -3.94 15.33
C ALA C 76 5.48 -5.10 16.24
N LEU C 77 4.18 -5.37 16.28
CA LEU C 77 3.64 -6.43 17.10
C LEU C 77 3.23 -7.66 16.28
N GLY C 78 3.61 -7.71 15.00
CA GLY C 78 3.33 -8.89 14.17
C GLY C 78 2.07 -8.67 13.35
N ASP C 79 1.12 -9.60 13.44
CA ASP C 79 -0.14 -9.44 12.68
C ASP C 79 -1.39 -9.98 13.39
N ILE C 80 -2.53 -9.83 12.73
CA ILE C 80 -3.83 -10.18 13.31
C ILE C 80 -3.84 -11.67 13.66
N GLY C 81 -3.34 -12.52 12.76
CA GLY C 81 -3.24 -13.96 13.02
C GLY C 81 -2.27 -14.39 14.13
N ARG C 82 -1.27 -13.56 14.44
CA ARG C 82 -0.38 -13.82 15.60
C ARG C 82 -1.07 -13.54 16.95
N HIS C 83 -2.02 -12.60 16.97
CA HIS C 83 -2.70 -12.18 18.21
C HIS C 83 -4.02 -12.92 18.52
N PHE C 84 -4.74 -13.32 17.47
CA PHE C 84 -6.13 -13.74 17.62
C PHE C 84 -6.36 -15.12 16.98
N PHE C 91 -11.49 -14.59 22.67
CA PHE C 91 -11.87 -14.02 21.37
C PHE C 91 -12.77 -14.93 20.55
N LYS C 92 -12.91 -16.20 20.95
CA LYS C 92 -13.76 -17.14 20.22
C LYS C 92 -15.11 -16.49 19.97
N GLY C 93 -15.48 -16.34 18.70
CA GLY C 93 -16.75 -15.70 18.34
C GLY C 93 -16.79 -14.18 18.56
N ALA C 94 -15.64 -13.55 18.79
CA ALA C 94 -15.56 -12.10 19.01
C ALA C 94 -15.76 -11.40 17.66
N ASP C 95 -16.52 -10.30 17.65
CA ASP C 95 -16.72 -9.56 16.40
C ASP C 95 -15.49 -8.69 16.13
N SER C 96 -15.43 -8.09 14.96
CA SER C 96 -14.20 -7.44 14.54
C SER C 96 -13.98 -6.12 15.27
N ARG C 97 -15.05 -5.54 15.82
CA ARG C 97 -14.88 -4.33 16.61
C ARG C 97 -14.21 -4.65 17.94
N ALA C 98 -14.60 -5.77 18.56
CA ALA C 98 -13.93 -6.21 19.78
C ALA C 98 -12.43 -6.46 19.50
N LEU C 99 -12.13 -7.11 18.40
CA LEU C 99 -10.73 -7.32 17.99
C LEU C 99 -9.97 -6.02 17.70
N LEU C 100 -10.64 -5.05 17.09
CA LEU C 100 -10.02 -3.73 16.87
C LEU C 100 -9.75 -3.05 18.18
N ARG C 101 -10.66 -3.19 19.15
CA ARG C 101 -10.47 -2.56 20.45
C ARG C 101 -9.31 -3.20 21.20
N GLU C 102 -9.20 -4.52 21.12
CA GLU C 102 -8.10 -5.27 21.73
C GLU C 102 -6.74 -4.93 21.06
N CYS C 103 -6.75 -4.80 19.74
CA CYS C 103 -5.60 -4.26 19.02
C CYS C 103 -5.16 -2.93 19.62
N ALA C 104 -6.10 -1.99 19.75
CA ALA C 104 -5.78 -0.68 20.34
C ALA C 104 -5.14 -0.80 21.73
N SER C 105 -5.68 -1.76 22.52
CA SER C 105 -5.15 -2.05 23.85
C SER C 105 -3.70 -2.52 23.78
N ARG C 106 -3.44 -3.44 22.88
CA ARG C 106 -2.08 -4.00 22.74
C ARG C 106 -1.08 -3.00 22.19
N VAL C 107 -1.55 -2.09 21.34
CA VAL C 107 -0.73 -1.00 20.85
C VAL C 107 -0.33 -0.07 21.97
N ALA C 108 -1.30 0.26 22.84
CA ALA C 108 -1.05 1.14 23.98
C ALA C 108 -0.11 0.42 24.95
N GLN C 109 -0.36 -0.86 25.19
CA GLN C 109 0.48 -1.71 26.07
C GLN C 109 1.94 -1.66 25.64
N ALA C 110 2.17 -1.62 24.33
CA ALA C 110 3.52 -1.51 23.79
C ALA C 110 4.12 -0.11 23.90
N GLY C 111 3.37 0.88 24.41
CA GLY C 111 3.83 2.25 24.53
C GLY C 111 3.51 3.25 23.44
N PHE C 112 2.64 2.88 22.50
CA PHE C 112 2.31 3.75 21.38
C PHE C 112 0.99 4.45 21.52
N ALA C 113 0.92 5.66 21.01
CA ALA C 113 -0.37 6.36 20.83
C ALA C 113 -0.67 6.39 19.35
N ILE C 114 -1.94 6.25 18.99
CA ILE C 114 -2.36 6.29 17.60
C ILE C 114 -2.54 7.75 17.16
N ARG C 115 -1.92 8.13 16.04
CA ARG C 115 -2.05 9.51 15.57
C ARG C 115 -3.14 9.65 14.51
N ASN C 116 -3.17 8.75 13.54
CA ASN C 116 -4.22 8.75 12.53
C ASN C 116 -4.30 7.42 11.82
N VAL C 117 -5.45 7.19 11.22
CA VAL C 117 -5.72 6.05 10.35
C VAL C 117 -6.39 6.55 9.08
N ASP C 118 -5.95 6.00 7.97
CA ASP C 118 -6.56 6.19 6.65
C ASP C 118 -6.77 4.82 6.01
N SER C 119 -7.75 4.74 5.12
CA SER C 119 -8.13 3.47 4.51
C SER C 119 -8.92 3.63 3.22
N THR C 120 -8.96 2.54 2.46
CA THR C 120 -9.73 2.43 1.23
C THR C 120 -10.40 1.06 1.15
N ILE C 121 -11.70 1.05 0.87
CA ILE C 121 -12.48 -0.17 0.60
C ILE C 121 -12.61 -0.27 -0.91
N ILE C 122 -12.27 -1.43 -1.49
CA ILE C 122 -12.50 -1.64 -2.91
C ILE C 122 -13.64 -2.60 -3.08
N ALA C 123 -14.77 -2.09 -3.56
CA ALA C 123 -15.96 -2.91 -3.74
C ALA C 123 -16.65 -2.39 -4.99
N GLN C 124 -16.89 -3.30 -5.93
CA GLN C 124 -17.66 -2.94 -7.10
C GLN C 124 -19.06 -2.53 -6.68
N ALA C 125 -19.63 -3.28 -5.74
CA ALA C 125 -20.97 -2.97 -5.21
C ALA C 125 -21.07 -3.47 -3.78
N PRO C 126 -22.02 -2.98 -2.99
CA PRO C 126 -22.97 -1.90 -3.25
C PRO C 126 -22.35 -0.53 -3.06
N LYS C 127 -23.13 0.52 -3.23
CA LYS C 127 -22.64 1.88 -3.01
C LYS C 127 -22.34 2.04 -1.51
N LEU C 128 -21.13 2.48 -1.18
CA LEU C 128 -20.74 2.61 0.22
C LEU C 128 -20.90 4.04 0.77
N ALA C 129 -21.02 5.01 -0.13
CA ALA C 129 -21.05 6.45 0.21
C ALA C 129 -21.84 6.81 1.47
N PRO C 130 -23.11 6.40 1.57
CA PRO C 130 -23.93 6.87 2.71
C PRO C 130 -23.63 6.17 4.03
N HIS C 131 -22.75 5.18 3.98
CA HIS C 131 -22.30 4.44 5.16
C HIS C 131 -20.92 4.85 5.71
N ILE C 132 -20.15 5.62 4.93
CA ILE C 132 -18.76 5.94 5.26
C ILE C 132 -18.60 6.72 6.58
N ASP C 133 -19.36 7.79 6.75
CA ASP C 133 -19.25 8.53 8.01
C ASP C 133 -19.60 7.66 9.23
N ALA C 134 -20.56 6.73 9.11
CA ALA C 134 -20.84 5.80 10.20
C ALA C 134 -19.64 4.86 10.48
N MET C 135 -18.97 4.37 9.42
CA MET C 135 -17.76 3.57 9.60
C MET C 135 -16.68 4.37 10.30
N ARG C 136 -16.46 5.62 9.87
CA ARG C 136 -15.48 6.49 10.56
C ARG C 136 -15.80 6.62 12.03
N ALA C 137 -17.08 6.87 12.34
CA ALA C 137 -17.51 7.09 13.74
C ALA C 137 -17.26 5.82 14.55
N ASN C 138 -17.62 4.68 13.99
CA ASN C 138 -17.30 3.39 14.62
C ASN C 138 -15.81 3.21 14.92
N ILE C 139 -14.95 3.39 13.91
CA ILE C 139 -13.49 3.24 14.07
C ILE C 139 -12.95 4.23 15.14
N ALA C 140 -13.38 5.46 15.06
CA ALA C 140 -12.95 6.49 16.00
C ALA C 140 -13.35 6.16 17.44
N ALA C 141 -14.57 5.64 17.65
CA ALA C 141 -15.00 5.24 18.99
C ALA C 141 -14.11 4.08 19.47
N ASP C 142 -13.92 3.11 18.61
CA ASP C 142 -13.15 1.91 18.98
C ASP C 142 -11.68 2.16 19.30
N LEU C 143 -11.08 3.11 18.60
CA LEU C 143 -9.68 3.48 18.79
C LEU C 143 -9.52 4.62 19.78
N ASP C 144 -10.63 5.21 20.22
CA ASP C 144 -10.64 6.39 21.13
C ASP C 144 -9.87 7.56 20.47
N LEU C 145 -10.22 7.81 19.20
CA LEU C 145 -9.66 8.92 18.41
C LEU C 145 -10.78 9.88 18.04
N PRO C 146 -10.48 11.19 17.98
CA PRO C 146 -11.44 12.12 17.40
C PRO C 146 -11.68 11.82 15.95
N LEU C 147 -12.83 12.27 15.42
CA LEU C 147 -13.21 11.94 14.04
C LEU C 147 -12.19 12.35 13.02
N ASP C 148 -11.58 13.51 13.24
CA ASP C 148 -10.69 14.10 12.25
C ASP C 148 -9.33 13.39 12.16
N ARG C 149 -9.13 12.30 12.89
CA ARG C 149 -7.91 11.47 12.80
C ARG C 149 -8.18 10.10 12.18
N VAL C 150 -9.38 9.91 11.66
CA VAL C 150 -9.82 8.66 11.08
C VAL C 150 -10.43 8.93 9.73
N ASN C 151 -10.00 8.20 8.69
CA ASN C 151 -10.58 8.38 7.38
C ASN C 151 -10.83 7.04 6.70
N VAL C 152 -11.89 7.02 5.89
CA VAL C 152 -12.29 5.87 5.13
C VAL C 152 -12.69 6.32 3.71
N LYS C 153 -12.10 5.70 2.71
CA LYS C 153 -12.37 6.00 1.29
C LYS C 153 -12.90 4.78 0.57
N ALA C 154 -13.57 4.97 -0.55
CA ALA C 154 -14.13 3.87 -1.30
C ALA C 154 -13.77 3.99 -2.78
N LYS C 155 -13.60 2.84 -3.41
CA LYS C 155 -13.29 2.74 -4.84
C LYS C 155 -13.96 1.51 -5.42
N THR C 156 -14.39 1.58 -6.69
CA THR C 156 -14.70 0.38 -7.43
C THR C 156 -13.40 -0.16 -8.04
N ASN C 157 -13.48 -1.31 -8.73
CA ASN C 157 -12.32 -1.83 -9.43
C ASN C 157 -12.48 -1.78 -10.93
N GLU C 158 -13.34 -0.87 -11.41
CA GLU C 158 -13.54 -0.67 -12.83
C GLU C 158 -13.78 -1.99 -13.56
N LYS C 159 -14.56 -2.86 -12.90
CA LYS C 159 -15.02 -4.13 -13.42
C LYS C 159 -13.88 -5.09 -13.76
N LEU C 160 -12.67 -4.83 -13.23
CA LEU C 160 -11.53 -5.68 -13.47
C LEU C 160 -11.36 -6.69 -12.37
N GLY C 161 -11.01 -7.90 -12.75
CA GLY C 161 -10.62 -8.95 -11.78
C GLY C 161 -11.76 -9.46 -10.91
N TYR C 162 -11.41 -10.27 -9.92
CA TYR C 162 -12.40 -10.83 -9.01
C TYR C 162 -13.15 -9.75 -8.25
N LEU C 163 -12.47 -8.66 -7.86
CA LEU C 163 -13.15 -7.50 -7.26
C LEU C 163 -14.19 -6.92 -8.23
N GLY C 164 -13.79 -6.75 -9.49
CA GLY C 164 -14.66 -6.16 -10.51
C GLY C 164 -15.89 -6.97 -10.80
N ARG C 165 -15.76 -8.29 -10.66
CA ARG C 165 -16.87 -9.22 -10.82
C ARG C 165 -17.72 -9.38 -9.54
N GLY C 166 -17.36 -8.67 -8.47
CA GLY C 166 -18.13 -8.73 -7.22
C GLY C 166 -17.95 -10.03 -6.48
N GLU C 167 -16.79 -10.68 -6.65
CA GLU C 167 -16.52 -11.96 -6.01
C GLU C 167 -15.87 -11.79 -4.62
N GLY C 168 -15.39 -10.59 -4.33
CA GLY C 168 -14.89 -10.24 -3.02
C GLY C 168 -14.75 -8.73 -2.83
N ILE C 169 -14.34 -8.32 -1.62
CA ILE C 169 -14.09 -6.91 -1.30
C ILE C 169 -12.74 -6.83 -0.59
N GLU C 170 -11.96 -5.85 -0.98
CA GLU C 170 -10.65 -5.62 -0.42
C GLU C 170 -10.69 -4.37 0.42
N ALA C 171 -9.82 -4.32 1.41
CA ALA C 171 -9.49 -3.09 2.15
C ALA C 171 -7.99 -2.91 2.30
N GLN C 172 -7.57 -1.65 2.24
CA GLN C 172 -6.21 -1.21 2.49
C GLN C 172 -6.26 -0.20 3.62
N ALA C 173 -5.22 -0.19 4.44
CA ALA C 173 -5.11 0.73 5.52
C ALA C 173 -3.68 1.20 5.75
N ALA C 174 -3.58 2.42 6.27
CA ALA C 174 -2.33 3.02 6.72
C ALA C 174 -2.57 3.63 8.10
N ALA C 175 -1.63 3.43 9.01
CA ALA C 175 -1.70 4.05 10.33
C ALA C 175 -0.41 4.71 10.71
N LEU C 176 -0.51 5.82 11.44
CA LEU C 176 0.67 6.44 12.06
C LEU C 176 0.52 6.41 13.56
N VAL C 177 1.59 5.99 14.21
CA VAL C 177 1.59 5.93 15.66
C VAL C 177 2.85 6.66 16.16
N VAL C 178 2.89 6.96 17.47
CA VAL C 178 4.10 7.50 18.10
C VAL C 178 4.34 6.85 19.45
N ARG C 179 5.59 6.54 19.75
CA ARG C 179 5.97 5.96 21.05
C ARG C 179 6.14 7.09 22.05
N GLU C 180 5.23 7.15 23.01
CA GLU C 180 5.13 8.31 23.90
C GLU C 180 6.12 8.26 25.07
CL CL D . -5.28 -17.85 -0.77
ZN ZN E . 10.95 -8.51 -7.26
C12 MSR F . 13.64 -6.08 -12.45
C13 MSR F . 14.69 -5.42 -13.11
C14 MSR F . 15.59 -4.62 -12.41
O17 MSR F . 16.64 -4.00 -13.05
C15 MSR F . 15.41 -4.50 -11.05
C16 MSR F . 14.34 -5.15 -10.41
C11 MSR F . 13.41 -5.99 -11.06
N3 MSR F . 12.40 -6.62 -10.42
C4 MSR F . 11.27 -7.08 -11.00
C5 MSR F . 10.56 -7.63 -9.97
NFE MSR F . 11.27 -7.49 -8.82
C2 MSR F . 12.43 -6.88 -9.10
O5' CTN G . -3.46 -14.81 7.94
C5' CTN G . -3.74 -15.66 9.07
C4' CTN G . -2.45 -16.06 9.77
O4' CTN G . -1.84 -17.09 9.00
C1' CTN G . -0.46 -16.76 8.80
N1 CTN G . -0.13 -17.12 7.41
C6 CTN G . -0.81 -16.61 6.38
C5 CTN G . -0.48 -16.93 5.06
C4 CTN G . 0.55 -17.84 4.84
N3 CTN G . 1.23 -18.34 5.88
C2 CTN G . 0.90 -18.02 7.16
O2 CTN G . 1.54 -18.50 8.13
N4 CTN G . 0.91 -18.20 3.59
C2' CTN G . -0.33 -15.26 9.04
O2' CTN G . 0.95 -14.84 9.53
C3' CTN G . -1.46 -14.90 9.94
O3' CTN G . -0.92 -14.76 11.27
ZN ZN H . -9.12 7.22 -11.50
O5' CTN I . 10.25 -3.95 -13.94
O5' CTN I . 10.69 -2.81 -12.65
C5' CTN I . 11.61 -3.64 -13.56
C5' CTN I . 11.99 -2.74 -13.26
C4' CTN I . 11.91 -2.15 -13.69
C4' CTN I . 12.28 -1.36 -13.85
O4' CTN I . 11.53 -1.59 -14.96
O4' CTN I . 11.53 -1.12 -15.06
C1' CTN I . 11.01 -0.26 -14.80
C1' CTN I . 10.84 0.12 -14.99
N1 CTN I . 9.62 -0.19 -15.30
N1 CTN I . 9.52 -0.05 -15.60
C6 CTN I . 8.72 -1.11 -14.96
C6 CTN I . 8.66 -0.98 -15.17
C5 CTN I . 7.42 -1.01 -15.45
C5 CTN I . 7.41 -1.14 -15.79
C4 CTN I . 7.05 0.01 -16.30
C4 CTN I . 7.07 -0.33 -16.88
N3 CTN I . 7.97 0.95 -16.66
N3 CTN I . 7.95 0.60 -17.30
C2 CTN I . 9.24 0.85 -16.17
C2 CTN I . 9.16 0.74 -16.71
O2 CTN I . 10.10 1.70 -16.49
O2 CTN I . 9.95 1.60 -17.14
N4 CTN I . 5.79 0.08 -16.79
N4 CTN I . 5.89 -0.45 -17.53
C2' CTN I . 11.07 0.03 -13.31
C2' CTN I . 10.73 0.47 -13.53
O2' CTN I . 12.24 0.79 -12.98
O2' CTN I . 10.72 1.89 -13.30
C3' CTN I . 11.15 -1.32 -12.66
C3' CTN I . 11.91 -0.21 -12.90
O3' CTN I . 11.77 -1.29 -11.36
O3' CTN I . 12.99 0.73 -12.81
K K J . -3.64 -5.50 -5.23
ZN ZN K . -10.26 -10.37 7.31
O5' CTN L . -15.27 6.19 -6.36
C5' CTN L . -16.08 7.34 -6.61
C4' CTN L . -17.00 7.59 -5.41
O4' CTN L . -17.80 6.44 -5.24
C1' CTN L . -17.81 6.11 -3.84
N1 CTN L . -17.98 4.65 -3.83
C6 CTN L . -17.09 3.84 -4.46
C5 CTN L . -17.30 2.47 -4.51
C4 CTN L . -18.45 1.96 -3.91
N3 CTN L . -19.36 2.77 -3.30
C2 CTN L . -19.15 4.12 -3.28
O2 CTN L . -19.99 4.90 -2.70
N4 CTN L . -18.70 0.64 -3.91
C2' CTN L . -16.51 6.64 -3.24
O2' CTN L . -16.59 6.99 -1.83
C3' CTN L . -16.22 7.83 -4.12
O3' CTN L . -16.62 9.03 -3.46
#